data_3EWJ
#
_entry.id   3EWJ
#
_cell.length_a   72.398
_cell.length_b   76.176
_cell.length_c   103.565
_cell.angle_alpha   90.00
_cell.angle_beta   90.00
_cell.angle_gamma   90.00
#
_symmetry.space_group_name_H-M   'P 21 21 21'
#
loop_
_entity.id
_entity.type
_entity.pdbx_description
1 polymer 'ADAM 17'
2 non-polymer 'ZINC ION'
3 non-polymer N-{(2R)-2-[2-(hydroxyamino)-2-oxoethyl]-4-methylpentanoyl}-3-methyl-L-valyl-N-(2-aminoethyl)-L-alaninamide
4 non-polymer '(1S,3R,6S)-4-oxo-6-{4-[(2-phenylquinolin-4-yl)methoxy]phenyl}-5-azaspiro[2.4]heptane-1-carboxylic acid'
5 water water
#
_entity_poly.entity_id   1
_entity_poly.type   'polypeptide(L)'
_entity_poly.pdbx_seq_one_letter_code
;RADPDPMKNTCKLLVVADHRFYRYMGRGEESTTTNYLIELIDRVDDIYRNTAWDNAGFKGYGIQIEQIRILKSPQEVKPG
EKHYNMAKSYPNEEKDAWDVKMLLEQFSFDIAEEASKVCLAHLFTYQDFDMGTLGLAYGGSPRANSHGGVCPKAYYSPVG
KKNIYLNSGLTSTKNYGKTILTKEADLVTTHELGHNFGAEHDPDGLAECAPNEDQGGKYVMYPIAVSGDHENNKMFSQCS
KQSIYKTIESKAQECFQERSNKVGSHHHHHH
;
_entity_poly.pdbx_strand_id   A,B
#
loop_
_chem_comp.id
_chem_comp.type
_chem_comp.name
_chem_comp.formula
642 non-polymer '(1S,3R,6S)-4-oxo-6-{4-[(2-phenylquinolin-4-yl)methoxy]phenyl}-5-azaspiro[2.4]heptane-1-carboxylic acid' 'C29 H24 N2 O4'
INN peptide-like N-{(2R)-2-[2-(hydroxyamino)-2-oxoethyl]-4-methylpentanoyl}-3-methyl-L-valyl-N-(2-aminoethyl)-L-alaninamide 'C19 H37 N5 O5'
ZN non-polymer 'ZINC ION' 'Zn 2'
#
# COMPACT_ATOMS: atom_id res chain seq x y z
N PRO A 4 -1.46 0.09 -4.47
CA PRO A 4 -2.16 1.07 -5.31
C PRO A 4 -2.32 0.63 -6.77
N ASP A 5 -3.36 1.15 -7.42
CA ASP A 5 -3.63 0.83 -8.82
C ASP A 5 -3.42 2.12 -9.62
N PRO A 6 -2.30 2.22 -10.35
CA PRO A 6 -1.96 3.41 -11.14
C PRO A 6 -3.05 3.80 -12.13
N MET A 7 -3.95 2.87 -12.43
CA MET A 7 -5.04 3.19 -13.35
C MET A 7 -6.27 3.72 -12.61
N LYS A 8 -6.19 3.75 -11.28
CA LYS A 8 -7.30 4.27 -10.47
C LYS A 8 -6.72 5.01 -9.28
N ASN A 9 -5.88 6.01 -9.55
CA ASN A 9 -5.27 6.75 -8.44
C ASN A 9 -5.49 8.26 -8.50
N THR A 10 -6.35 8.73 -9.40
CA THR A 10 -6.56 10.17 -9.58
C THR A 10 -8.05 10.57 -9.51
N CYS A 11 -8.33 11.57 -8.70
CA CYS A 11 -9.70 12.08 -8.55
C CYS A 11 -9.83 13.27 -9.50
N LYS A 12 -10.56 13.10 -10.60
CA LYS A 12 -10.73 14.15 -11.57
C LYS A 12 -11.80 15.15 -11.08
N LEU A 13 -11.50 16.44 -11.23
CA LEU A 13 -12.37 17.51 -10.74
C LEU A 13 -13.05 18.34 -11.80
N LEU A 14 -14.29 18.72 -11.49
CA LEU A 14 -14.96 19.76 -12.26
C LEU A 14 -14.72 20.99 -11.38
N VAL A 15 -13.96 21.96 -11.89
CA VAL A 15 -13.68 23.19 -11.15
C VAL A 15 -14.58 24.26 -11.73
N VAL A 16 -15.28 24.98 -10.86
CA VAL A 16 -16.16 26.05 -11.32
C VAL A 16 -15.74 27.39 -10.76
N ALA A 17 -15.55 28.37 -11.66
CA ALA A 17 -15.29 29.73 -11.23
C ALA A 17 -16.57 30.53 -11.47
N ASP A 18 -17.20 31.02 -10.39
CA ASP A 18 -18.42 31.83 -10.58
C ASP A 18 -18.10 33.25 -11.09
N HIS A 19 -19.13 34.04 -11.39
CA HIS A 19 -18.88 35.38 -11.92
C HIS A 19 -18.10 36.28 -10.97
N ARG A 20 -18.21 36.03 -9.67
CA ARG A 20 -17.49 36.82 -8.67
C ARG A 20 -16.00 36.53 -8.79
N PHE A 21 -15.68 35.24 -8.88
CA PHE A 21 -14.30 34.84 -9.06
C PHE A 21 -13.72 35.39 -10.39
N TYR A 22 -14.51 35.26 -11.45
CA TYR A 22 -14.10 35.71 -12.77
C TYR A 22 -13.71 37.18 -12.75
N ARG A 23 -14.59 37.99 -12.18
CA ARG A 23 -14.39 39.44 -12.11
C ARG A 23 -13.26 39.88 -11.17
N TYR A 24 -13.27 39.37 -9.94
CA TYR A 24 -12.36 39.81 -8.89
C TYR A 24 -11.01 39.15 -8.77
N MET A 25 -10.92 37.90 -9.20
CA MET A 25 -9.67 37.17 -9.16
C MET A 25 -9.18 37.04 -10.59
N GLY A 26 -10.10 36.85 -11.51
CA GLY A 26 -9.73 36.62 -12.90
C GLY A 26 -9.59 37.83 -13.80
N ARG A 27 -9.84 39.03 -13.29
CA ARG A 27 -9.77 40.26 -14.10
C ARG A 27 -10.65 40.21 -15.34
N GLY A 28 -11.75 39.48 -15.25
CA GLY A 28 -12.63 39.38 -16.40
C GLY A 28 -12.02 38.67 -17.60
N GLU A 29 -11.03 37.80 -17.36
CA GLU A 29 -10.35 37.06 -18.43
C GLU A 29 -10.34 35.55 -18.21
N GLU A 30 -10.51 34.78 -19.28
CA GLU A 30 -10.47 33.34 -19.16
C GLU A 30 -9.07 32.90 -18.78
N SER A 31 -8.06 33.50 -19.41
CA SER A 31 -6.66 33.10 -19.15
C SER A 31 -6.26 33.31 -17.68
N THR A 32 -6.47 34.52 -17.18
CA THR A 32 -6.10 34.82 -15.80
C THR A 32 -6.87 33.92 -14.81
N THR A 33 -8.18 33.82 -15.03
CA THR A 33 -9.04 32.96 -14.21
C THR A 33 -8.49 31.53 -14.18
N THR A 34 -8.33 30.94 -15.35
CA THR A 34 -7.88 29.54 -15.42
C THR A 34 -6.47 29.33 -14.92
N ASN A 35 -5.56 30.24 -15.26
CA ASN A 35 -4.18 30.06 -14.80
C ASN A 35 -4.11 30.04 -13.27
N TYR A 36 -4.90 30.86 -12.61
CA TYR A 36 -4.91 30.87 -11.15
C TYR A 36 -5.31 29.49 -10.62
N LEU A 37 -6.38 28.96 -11.18
CA LEU A 37 -6.93 27.67 -10.72
C LEU A 37 -6.05 26.47 -11.08
N ILE A 38 -5.51 26.47 -12.28
CA ILE A 38 -4.64 25.41 -12.73
C ILE A 38 -3.46 25.31 -11.77
N GLU A 39 -2.84 26.44 -11.47
CA GLU A 39 -1.68 26.45 -10.59
C GLU A 39 -2.02 26.05 -9.15
N LEU A 40 -3.14 26.54 -8.65
CA LEU A 40 -3.57 26.19 -7.29
C LEU A 40 -3.80 24.68 -7.18
N ILE A 41 -4.58 24.11 -8.10
CA ILE A 41 -4.87 22.69 -8.04
C ILE A 41 -3.58 21.86 -8.15
N ASP A 42 -2.66 22.31 -8.99
CA ASP A 42 -1.40 21.62 -9.13
C ASP A 42 -0.57 21.63 -7.82
N ARG A 43 -0.55 22.75 -7.11
CA ARG A 43 0.21 22.82 -5.85
C ARG A 43 -0.46 21.94 -4.80
N VAL A 44 -1.78 21.93 -4.82
CA VAL A 44 -2.52 21.08 -3.90
C VAL A 44 -2.26 19.62 -4.23
N ASP A 45 -2.24 19.30 -5.51
CA ASP A 45 -1.98 17.94 -5.96
C ASP A 45 -0.59 17.49 -5.46
N ASP A 46 0.39 18.39 -5.45
CA ASP A 46 1.71 18.03 -4.91
C ASP A 46 1.61 17.53 -3.46
N ILE A 47 0.77 18.17 -2.65
CA ILE A 47 0.60 17.73 -1.26
C ILE A 47 0.03 16.32 -1.21
N TYR A 48 -1.08 16.12 -1.91
CA TYR A 48 -1.73 14.81 -1.92
C TYR A 48 -0.89 13.70 -2.51
N ARG A 49 -0.41 13.94 -3.72
CA ARG A 49 0.34 12.95 -4.49
C ARG A 49 1.59 12.44 -3.77
N ASN A 50 2.23 13.31 -2.98
CA ASN A 50 3.43 12.92 -2.25
C ASN A 50 3.15 12.34 -0.88
N THR A 51 1.87 12.35 -0.50
CA THR A 51 1.51 11.80 0.80
C THR A 51 1.45 10.28 0.77
N ALA A 52 2.10 9.64 1.75
CA ALA A 52 2.03 8.19 1.88
C ALA A 52 0.94 7.93 2.92
N TRP A 53 -0.27 7.58 2.46
CA TRP A 53 -1.42 7.41 3.36
C TRP A 53 -1.28 6.34 4.44
N ASP A 54 -0.45 5.34 4.16
CA ASP A 54 -0.19 4.28 5.13
C ASP A 54 1.23 4.39 5.66
N ASN A 55 1.86 5.53 5.41
CA ASN A 55 3.23 5.77 5.85
C ASN A 55 4.22 4.83 5.19
N ALA A 56 3.85 4.28 4.04
CA ALA A 56 4.76 3.42 3.31
C ALA A 56 4.64 3.63 1.81
N GLY A 57 4.11 2.65 1.09
CA GLY A 57 4.04 2.76 -0.35
C GLY A 57 2.71 3.20 -0.94
N PHE A 58 1.68 3.35 -0.10
CA PHE A 58 0.36 3.75 -0.60
C PHE A 58 0.39 5.24 -0.86
N LYS A 59 0.95 5.62 -2.01
CA LYS A 59 1.09 7.03 -2.36
C LYS A 59 0.90 7.20 -3.86
N GLY A 60 0.98 8.44 -4.35
CA GLY A 60 0.74 8.69 -5.75
C GLY A 60 -0.72 8.98 -6.03
N TYR A 61 -1.52 9.18 -4.97
CA TYR A 61 -2.95 9.48 -5.15
C TYR A 61 -3.13 10.99 -5.12
N GLY A 62 -3.85 11.52 -6.10
CA GLY A 62 -4.03 12.95 -6.16
C GLY A 62 -5.25 13.38 -6.94
N ILE A 63 -5.16 14.60 -7.46
CA ILE A 63 -6.27 15.25 -8.13
C ILE A 63 -5.80 15.93 -9.42
N GLN A 64 -6.69 16.00 -10.41
CA GLN A 64 -6.37 16.73 -11.64
C GLN A 64 -7.65 17.32 -12.16
N ILE A 65 -7.52 18.46 -12.82
CA ILE A 65 -8.71 19.12 -13.38
C ILE A 65 -9.17 18.45 -14.68
N GLU A 66 -10.45 18.08 -14.75
CA GLU A 66 -11.05 17.57 -15.97
C GLU A 66 -11.62 18.73 -16.79
N GLN A 67 -12.21 19.71 -16.13
CA GLN A 67 -12.82 20.84 -16.85
C GLN A 67 -12.89 22.03 -15.90
N ILE A 68 -12.69 23.23 -16.44
CA ILE A 68 -12.91 24.44 -15.67
C ILE A 68 -14.10 25.18 -16.30
N ARG A 69 -15.21 25.26 -15.58
CA ARG A 69 -16.35 26.02 -16.08
C ARG A 69 -16.12 27.47 -15.67
N ILE A 70 -16.31 28.41 -16.58
CA ILE A 70 -16.06 29.81 -16.26
C ILE A 70 -17.35 30.58 -16.47
N LEU A 71 -17.92 31.11 -15.39
CA LEU A 71 -19.18 31.82 -15.51
C LEU A 71 -18.85 33.31 -15.54
N LYS A 72 -18.91 33.87 -16.74
CA LYS A 72 -18.52 35.25 -17.01
C LYS A 72 -19.50 36.32 -16.51
N SER A 73 -20.75 35.94 -16.31
CA SER A 73 -21.75 36.88 -15.84
C SER A 73 -22.70 36.22 -14.85
N PRO A 74 -23.44 37.02 -14.09
CA PRO A 74 -24.37 36.43 -13.12
C PRO A 74 -25.46 35.63 -13.84
N GLN A 75 -26.00 34.64 -13.14
CA GLN A 75 -27.09 33.84 -13.69
C GLN A 75 -28.42 34.60 -13.51
N GLU A 76 -29.14 34.78 -14.61
CA GLU A 76 -30.45 35.42 -14.52
C GLU A 76 -31.42 34.41 -13.88
N VAL A 77 -32.18 34.87 -12.90
CA VAL A 77 -33.15 34.03 -12.20
C VAL A 77 -34.52 34.73 -12.21
N LYS A 78 -35.59 33.94 -12.09
CA LYS A 78 -36.95 34.50 -12.02
C LYS A 78 -37.22 34.87 -10.57
N PRO A 79 -38.28 35.66 -10.31
CA PRO A 79 -38.53 35.99 -8.90
C PRO A 79 -38.73 34.73 -8.07
N GLY A 80 -38.20 34.74 -6.85
CA GLY A 80 -38.31 33.61 -5.95
C GLY A 80 -37.39 32.44 -6.28
N GLU A 81 -36.66 32.56 -7.39
CA GLU A 81 -35.75 31.51 -7.81
C GLU A 81 -34.32 31.86 -7.40
N LYS A 82 -33.52 30.85 -7.10
CA LYS A 82 -32.13 31.12 -6.77
C LYS A 82 -31.19 30.21 -7.53
N HIS A 83 -29.93 30.61 -7.61
CA HIS A 83 -28.92 29.85 -8.33
C HIS A 83 -27.59 30.28 -7.70
N TYR A 84 -26.64 29.35 -7.53
CA TYR A 84 -25.37 29.72 -6.90
C TYR A 84 -24.61 30.85 -7.61
N ASN A 85 -24.87 31.02 -8.91
CA ASN A 85 -24.19 32.05 -9.68
C ASN A 85 -25.02 33.32 -9.91
N MET A 86 -26.12 33.44 -9.17
CA MET A 86 -26.96 34.63 -9.33
C MET A 86 -26.22 35.86 -8.77
N ALA A 87 -26.65 37.05 -9.18
CA ALA A 87 -25.99 38.28 -8.75
C ALA A 87 -26.06 38.52 -7.24
N LYS A 88 -27.23 38.35 -6.68
CA LYS A 88 -27.41 38.60 -5.25
C LYS A 88 -26.97 37.47 -4.31
N SER A 89 -26.63 37.86 -3.09
CA SER A 89 -26.31 36.92 -2.04
C SER A 89 -27.63 36.47 -1.42
N TYR A 90 -27.60 35.30 -0.78
CA TYR A 90 -28.77 34.68 -0.17
C TYR A 90 -28.34 34.00 1.12
N PRO A 91 -29.13 34.14 2.20
CA PRO A 91 -30.48 34.73 2.27
C PRO A 91 -30.57 36.23 2.45
N ASN A 92 -29.47 36.89 2.77
CA ASN A 92 -29.48 38.34 2.97
C ASN A 92 -28.71 39.06 1.86
N GLU A 93 -29.43 39.72 0.97
CA GLU A 93 -28.81 40.40 -0.15
C GLU A 93 -28.01 41.62 0.25
N GLU A 94 -28.18 42.06 1.49
CA GLU A 94 -27.45 43.23 1.96
C GLU A 94 -26.02 42.84 2.34
N LYS A 95 -25.80 41.54 2.53
CA LYS A 95 -24.47 41.04 2.89
C LYS A 95 -23.64 40.81 1.63
N ASP A 96 -22.32 40.81 1.79
CA ASP A 96 -21.42 40.59 0.66
C ASP A 96 -21.53 39.14 0.16
N ALA A 97 -21.83 38.22 1.08
CA ALA A 97 -21.85 36.80 0.77
C ALA A 97 -23.12 36.05 1.18
N TRP A 98 -23.27 34.85 0.61
CA TRP A 98 -24.33 33.91 0.98
C TRP A 98 -24.01 33.34 2.36
N ASP A 99 -25.00 32.68 2.95
CA ASP A 99 -24.77 31.83 4.10
C ASP A 99 -24.01 30.67 3.45
N VAL A 100 -22.83 30.35 3.97
CA VAL A 100 -21.96 29.33 3.35
C VAL A 100 -22.59 27.95 3.14
N LYS A 101 -23.34 27.49 4.13
CA LYS A 101 -23.96 26.16 4.02
C LYS A 101 -25.02 26.17 2.92
N MET A 102 -25.81 27.22 2.87
CA MET A 102 -26.83 27.33 1.85
C MET A 102 -26.21 27.40 0.46
N LEU A 103 -25.06 28.05 0.36
CA LEU A 103 -24.39 28.14 -0.95
C LEU A 103 -23.91 26.77 -1.43
N LEU A 104 -23.30 26.00 -0.53
CA LEU A 104 -22.81 24.68 -0.87
C LEU A 104 -23.97 23.80 -1.35
N GLU A 105 -25.10 23.89 -0.64
CA GLU A 105 -26.29 23.13 -1.02
C GLU A 105 -26.81 23.59 -2.37
N GLN A 106 -26.84 24.89 -2.59
CA GLN A 106 -27.33 25.43 -3.88
C GLN A 106 -26.41 25.01 -5.02
N PHE A 107 -25.11 25.17 -4.82
CA PHE A 107 -24.14 24.75 -5.83
C PHE A 107 -24.39 23.27 -6.20
N SER A 108 -24.47 22.42 -5.18
CA SER A 108 -24.68 20.98 -5.38
C SER A 108 -25.97 20.71 -6.15
N PHE A 109 -27.02 21.48 -5.86
CA PHE A 109 -28.29 21.33 -6.60
C PHE A 109 -28.12 21.71 -8.08
N ASP A 110 -27.58 22.90 -8.32
CA ASP A 110 -27.44 23.40 -9.67
C ASP A 110 -26.48 22.61 -10.57
N ILE A 111 -25.44 22.06 -9.95
CA ILE A 111 -24.39 21.35 -10.67
C ILE A 111 -24.59 19.84 -10.68
N ALA A 112 -25.75 19.38 -10.19
CA ALA A 112 -25.98 17.93 -10.06
C ALA A 112 -25.67 17.06 -11.28
N GLU A 113 -26.19 17.41 -12.45
CA GLU A 113 -25.96 16.56 -13.63
C GLU A 113 -24.46 16.46 -13.98
N GLU A 114 -23.77 17.59 -13.86
CA GLU A 114 -22.32 17.61 -14.14
C GLU A 114 -21.54 16.86 -13.06
N ALA A 115 -21.94 17.04 -11.80
CA ALA A 115 -21.27 16.41 -10.67
C ALA A 115 -21.35 14.89 -10.74
N SER A 116 -22.45 14.39 -11.29
CA SER A 116 -22.62 12.94 -11.38
C SER A 116 -21.57 12.28 -12.27
N LYS A 117 -20.89 13.07 -13.09
CA LYS A 117 -19.91 12.53 -14.03
C LYS A 117 -18.44 12.68 -13.64
N VAL A 118 -18.17 13.25 -12.47
CA VAL A 118 -16.79 13.46 -12.00
C VAL A 118 -16.61 12.98 -10.57
N CYS A 119 -15.36 12.81 -10.18
CA CYS A 119 -15.06 12.37 -8.82
C CYS A 119 -15.49 13.46 -7.83
N LEU A 120 -15.13 14.72 -8.12
CA LEU A 120 -15.50 15.86 -7.27
C LEU A 120 -15.81 17.10 -8.13
N ALA A 121 -16.66 17.96 -7.60
CA ALA A 121 -16.92 19.26 -8.22
C ALA A 121 -16.50 20.26 -7.13
N HIS A 122 -15.81 21.33 -7.52
CA HIS A 122 -15.43 22.34 -6.54
C HIS A 122 -15.74 23.75 -7.05
N LEU A 123 -16.41 24.54 -6.23
CA LEU A 123 -16.74 25.93 -6.56
C LEU A 123 -15.70 26.89 -5.99
N PHE A 124 -15.17 27.77 -6.85
CA PHE A 124 -14.27 28.85 -6.41
C PHE A 124 -15.03 30.14 -6.58
N THR A 125 -15.14 30.90 -5.50
CA THR A 125 -15.91 32.15 -5.51
C THR A 125 -15.12 33.25 -4.85
N TYR A 126 -15.71 34.44 -4.82
CA TYR A 126 -15.05 35.59 -4.21
C TYR A 126 -16.10 36.36 -3.43
N GLN A 127 -16.35 35.94 -2.19
CA GLN A 127 -17.32 36.60 -1.33
C GLN A 127 -16.89 36.46 0.11
N ASP A 128 -17.21 37.48 0.90
CA ASP A 128 -16.76 37.53 2.30
C ASP A 128 -17.72 36.86 3.27
N PHE A 129 -17.56 35.56 3.46
CA PHE A 129 -18.41 34.83 4.38
C PHE A 129 -18.26 35.40 5.78
N ASP A 130 -19.37 35.40 6.51
CA ASP A 130 -19.41 35.90 7.88
CA ASP A 130 -19.35 35.95 7.86
C ASP A 130 -18.41 35.21 8.80
N MET A 131 -17.83 35.95 9.73
CA MET A 131 -16.96 35.39 10.75
C MET A 131 -15.71 34.63 10.33
N GLY A 132 -15.10 35.01 9.22
CA GLY A 132 -13.84 34.40 8.82
C GLY A 132 -13.90 33.07 8.09
N THR A 133 -15.10 32.59 7.79
CA THR A 133 -15.21 31.32 7.07
C THR A 133 -14.62 31.46 5.67
N LEU A 134 -13.88 30.44 5.24
CA LEU A 134 -13.21 30.41 3.95
C LEU A 134 -13.70 29.35 2.96
N GLY A 135 -14.28 28.27 3.47
CA GLY A 135 -14.74 27.20 2.60
C GLY A 135 -15.66 26.23 3.31
N LEU A 136 -16.16 25.25 2.57
CA LEU A 136 -17.05 24.22 3.11
C LEU A 136 -17.05 23.03 2.17
N ALA A 137 -17.29 21.84 2.71
CA ALA A 137 -17.27 20.65 1.86
C ALA A 137 -18.02 19.53 2.54
N TYR A 138 -18.46 18.57 1.75
CA TYR A 138 -19.11 17.37 2.30
C TYR A 138 -18.05 16.28 2.48
N GLY A 139 -18.28 15.40 3.46
CA GLY A 139 -17.38 14.30 3.75
C GLY A 139 -16.62 14.66 5.01
N GLY A 140 -16.00 13.67 5.64
CA GLY A 140 -15.23 13.94 6.84
C GLY A 140 -15.95 14.82 7.86
N SER A 141 -17.22 14.54 8.07
CA SER A 141 -18.01 15.28 9.04
C SER A 141 -18.45 14.34 10.15
N PRO A 142 -18.33 14.78 11.41
CA PRO A 142 -18.75 13.94 12.53
C PRO A 142 -20.25 14.09 12.79
N HIS A 147 -23.19 12.73 4.96
CA HIS A 147 -22.02 12.10 4.36
C HIS A 147 -21.57 12.92 3.15
N GLY A 148 -20.99 12.24 2.17
CA GLY A 148 -20.50 12.88 0.95
C GLY A 148 -19.01 12.69 0.71
N GLY A 149 -18.46 13.48 -0.20
CA GLY A 149 -17.05 13.38 -0.51
C GLY A 149 -16.80 12.76 -1.87
N VAL A 150 -15.59 12.24 -2.08
CA VAL A 150 -15.22 11.67 -3.38
C VAL A 150 -16.21 10.66 -3.94
N CYS A 151 -16.46 10.77 -5.24
CA CYS A 151 -17.37 9.89 -6.01
C CYS A 151 -18.82 10.28 -5.74
N PRO A 152 -19.55 10.59 -6.80
CA PRO A 152 -20.91 11.09 -6.52
C PRO A 152 -21.78 10.05 -5.83
N LYS A 153 -22.42 10.47 -4.75
CA LYS A 153 -23.37 9.65 -4.01
C LYS A 153 -24.67 10.46 -4.00
N ALA A 154 -25.74 9.85 -4.49
CA ALA A 154 -27.02 10.55 -4.57
C ALA A 154 -27.63 10.85 -3.21
N TYR A 155 -28.37 11.96 -3.17
CA TYR A 155 -29.16 12.37 -2.02
C TYR A 155 -30.43 12.98 -2.64
N TYR A 156 -31.59 12.41 -2.35
CA TYR A 156 -32.80 12.99 -2.93
C TYR A 156 -33.22 14.19 -2.11
N SER A 157 -33.24 15.35 -2.75
CA SER A 157 -33.59 16.60 -2.06
C SER A 157 -35.10 16.83 -2.10
N PRO A 158 -35.77 16.68 -0.93
CA PRO A 158 -37.21 16.89 -0.85
C PRO A 158 -37.59 18.30 -1.34
N VAL A 159 -36.77 19.28 -0.98
CA VAL A 159 -36.99 20.67 -1.39
C VAL A 159 -36.72 20.85 -2.88
N GLY A 160 -35.60 20.32 -3.35
CA GLY A 160 -35.25 20.43 -4.76
C GLY A 160 -36.02 19.52 -5.70
N LYS A 161 -36.63 18.47 -5.16
CA LYS A 161 -37.38 17.51 -5.99
C LYS A 161 -36.54 16.71 -6.98
N LYS A 162 -35.26 16.54 -6.69
CA LYS A 162 -34.42 15.74 -7.58
C LYS A 162 -33.21 15.26 -6.80
N ASN A 163 -32.45 14.36 -7.39
CA ASN A 163 -31.24 13.90 -6.75
C ASN A 163 -30.14 14.94 -6.94
N ILE A 164 -29.38 15.16 -5.88
CA ILE A 164 -28.17 15.99 -5.97
C ILE A 164 -27.07 15.05 -5.52
N TYR A 165 -25.81 15.43 -5.73
CA TYR A 165 -24.70 14.56 -5.37
C TYR A 165 -23.81 15.29 -4.38
N LEU A 166 -23.30 14.55 -3.41
CA LEU A 166 -22.56 15.14 -2.30
C LEU A 166 -21.04 15.14 -2.51
N ASN A 167 -20.60 15.08 -3.76
CA ASN A 167 -19.17 15.10 -4.09
C ASN A 167 -18.75 16.54 -4.40
N SER A 168 -18.97 17.44 -3.46
CA SER A 168 -18.73 18.86 -3.72
C SER A 168 -18.12 19.62 -2.54
N GLY A 169 -17.59 20.79 -2.85
CA GLY A 169 -16.99 21.68 -1.88
C GLY A 169 -16.80 23.05 -2.53
N LEU A 170 -16.41 24.04 -1.73
CA LEU A 170 -16.21 25.40 -2.26
C LEU A 170 -15.11 26.11 -1.48
N THR A 171 -14.48 27.06 -2.15
CA THR A 171 -13.41 27.89 -1.57
C THR A 171 -13.73 29.34 -1.97
N SER A 172 -13.59 30.26 -1.03
CA SER A 172 -13.67 31.67 -1.37
C SER A 172 -12.26 32.24 -1.17
N THR A 173 -11.84 33.13 -2.05
CA THR A 173 -10.49 33.73 -1.92
C THR A 173 -10.59 35.16 -1.41
N LYS A 174 -11.73 35.48 -0.82
CA LYS A 174 -11.93 36.79 -0.16
C LYS A 174 -12.21 36.55 1.34
N ASN A 175 -11.55 37.32 2.21
CA ASN A 175 -11.80 37.24 3.64
C ASN A 175 -11.47 38.59 4.28
N TYR A 176 -12.41 39.11 5.06
CA TYR A 176 -12.19 40.41 5.73
C TYR A 176 -11.82 41.51 4.77
N GLY A 177 -12.58 41.61 3.69
CA GLY A 177 -12.40 42.68 2.73
C GLY A 177 -11.16 42.69 1.86
N LYS A 178 -10.46 41.56 1.80
CA LYS A 178 -9.32 41.50 0.90
C LYS A 178 -9.08 40.12 0.35
N THR A 179 -8.33 40.06 -0.73
CA THR A 179 -7.99 38.80 -1.39
C THR A 179 -7.01 38.09 -0.49
N ILE A 180 -7.24 36.81 -0.22
CA ILE A 180 -6.32 36.05 0.62
C ILE A 180 -5.03 35.79 -0.15
N LEU A 181 -3.96 35.46 0.56
CA LEU A 181 -2.68 35.18 -0.09
C LEU A 181 -2.81 33.89 -0.86
N THR A 182 -2.02 33.71 -1.91
CA THR A 182 -2.06 32.43 -2.62
C THR A 182 -1.67 31.28 -1.66
N LYS A 183 -0.71 31.49 -0.77
CA LYS A 183 -0.35 30.39 0.14
C LYS A 183 -1.53 30.02 1.07
N GLU A 184 -2.39 31.00 1.33
CA GLU A 184 -3.57 30.77 2.17
C GLU A 184 -4.65 30.03 1.38
N ALA A 185 -4.89 30.47 0.14
CA ALA A 185 -5.85 29.80 -0.74
C ALA A 185 -5.50 28.32 -0.89
N ASP A 186 -4.22 28.01 -1.09
CA ASP A 186 -3.79 26.62 -1.24
C ASP A 186 -4.24 25.80 -0.03
N LEU A 187 -4.06 26.37 1.17
CA LEU A 187 -4.43 25.69 2.41
C LEU A 187 -5.93 25.46 2.52
N VAL A 188 -6.73 26.45 2.16
CA VAL A 188 -8.18 26.29 2.23
C VAL A 188 -8.60 25.13 1.33
N THR A 189 -8.20 25.20 0.06
CA THR A 189 -8.59 24.15 -0.89
C THR A 189 -8.08 22.77 -0.46
N THR A 190 -6.86 22.70 0.05
CA THR A 190 -6.32 21.43 0.55
C THR A 190 -7.23 20.91 1.68
N HIS A 191 -7.61 21.79 2.59
CA HIS A 191 -8.48 21.43 3.73
C HIS A 191 -9.88 20.97 3.29
N GLU A 192 -10.52 21.72 2.39
CA GLU A 192 -11.86 21.33 1.92
C GLU A 192 -11.84 20.00 1.16
N LEU A 193 -10.85 19.83 0.28
CA LEU A 193 -10.73 18.56 -0.42
C LEU A 193 -10.36 17.46 0.58
N GLY A 194 -9.71 17.84 1.69
CA GLY A 194 -9.34 16.89 2.73
C GLY A 194 -10.60 16.25 3.29
N HIS A 195 -11.60 17.10 3.59
CA HIS A 195 -12.91 16.62 4.02
C HIS A 195 -13.52 15.72 2.93
N ASN A 196 -13.48 16.13 1.67
CA ASN A 196 -14.00 15.33 0.57
C ASN A 196 -13.35 13.94 0.58
N PHE A 197 -12.05 13.91 0.89
CA PHE A 197 -11.27 12.65 0.91
C PHE A 197 -11.50 11.82 2.17
N GLY A 198 -12.33 12.32 3.06
CA GLY A 198 -12.74 11.60 4.26
C GLY A 198 -12.14 12.04 5.57
N ALA A 199 -11.31 13.08 5.57
CA ALA A 199 -10.70 13.51 6.84
C ALA A 199 -11.60 14.39 7.71
N GLU A 200 -11.52 14.22 9.03
CA GLU A 200 -12.26 15.08 9.95
C GLU A 200 -11.22 16.06 10.49
N HIS A 201 -11.66 17.02 11.30
CA HIS A 201 -10.73 17.98 11.87
C HIS A 201 -9.81 17.28 12.87
N ASP A 202 -8.58 17.76 12.98
CA ASP A 202 -7.62 17.19 13.93
C ASP A 202 -8.06 17.72 15.29
N PRO A 203 -8.19 16.83 16.28
CA PRO A 203 -8.65 17.32 17.59
C PRO A 203 -7.48 17.67 18.52
N ASP A 204 -7.69 18.65 19.38
CA ASP A 204 -6.63 19.05 20.34
C ASP A 204 -6.12 17.90 21.19
N GLY A 205 -7.05 17.07 21.67
CA GLY A 205 -6.72 15.94 22.53
C GLY A 205 -5.76 14.90 22.00
N LEU A 206 -5.37 15.00 20.73
CA LEU A 206 -4.39 14.05 20.19
C LEU A 206 -3.19 14.85 19.73
N ALA A 207 -2.18 14.96 20.60
CA ALA A 207 -1.00 15.78 20.31
C ALA A 207 -0.28 15.39 19.02
N GLU A 208 -0.31 14.11 18.71
CA GLU A 208 0.33 13.62 17.50
C GLU A 208 -0.28 14.37 16.31
N CYS A 209 -1.58 14.63 16.38
CA CYS A 209 -2.30 15.26 15.26
C CYS A 209 -2.49 16.75 15.36
N ALA A 210 -2.13 17.32 16.49
CA ALA A 210 -2.29 18.76 16.68
C ALA A 210 -1.11 19.28 17.49
N PRO A 211 0.09 19.29 16.90
CA PRO A 211 1.33 19.71 17.56
C PRO A 211 1.41 21.17 17.96
N ASN A 212 2.35 21.49 18.85
CA ASN A 212 2.59 22.86 19.28
C ASN A 212 3.44 23.55 18.22
N GLU A 213 3.49 24.88 18.27
CA GLU A 213 4.25 25.65 17.29
C GLU A 213 5.71 25.27 17.22
N ASP A 214 6.33 25.03 18.37
CA ASP A 214 7.74 24.68 18.41
C ASP A 214 7.99 23.35 17.72
N GLN A 215 6.97 22.50 17.68
CA GLN A 215 7.11 21.20 17.04
C GLN A 215 6.57 21.14 15.60
N GLY A 216 6.55 22.28 14.92
CA GLY A 216 6.08 22.34 13.54
C GLY A 216 4.71 22.93 13.34
N GLY A 217 3.94 23.09 14.43
CA GLY A 217 2.62 23.66 14.32
C GLY A 217 1.54 22.67 13.91
N LYS A 218 0.37 23.19 13.59
CA LYS A 218 -0.78 22.35 13.27
C LYS A 218 -0.70 21.81 11.85
N TYR A 219 -1.46 20.74 11.60
CA TYR A 219 -1.58 20.15 10.26
C TYR A 219 -2.80 20.80 9.56
N VAL A 220 -2.94 20.52 8.27
CA VAL A 220 -3.94 21.19 7.45
C VAL A 220 -5.39 21.02 7.87
N MET A 221 -5.71 19.87 8.46
CA MET A 221 -7.07 19.61 8.93
C MET A 221 -7.41 20.20 10.29
N TYR A 222 -6.57 21.08 10.82
CA TYR A 222 -6.92 21.75 12.08
C TYR A 222 -8.12 22.66 11.74
N PRO A 223 -9.06 22.84 12.68
CA PRO A 223 -10.25 23.63 12.31
C PRO A 223 -10.10 25.15 12.25
N ILE A 224 -8.96 25.66 12.70
CA ILE A 224 -8.70 27.10 12.72
C ILE A 224 -7.66 27.41 11.66
N ALA A 225 -7.82 28.56 11.01
CA ALA A 225 -6.86 29.02 10.00
C ALA A 225 -6.25 30.36 10.39
N VAL A 226 -4.97 30.35 10.71
CA VAL A 226 -4.24 31.58 11.05
C VAL A 226 -2.75 31.38 10.74
N SER A 227 -2.12 32.42 10.17
CA SER A 227 -0.71 32.38 9.82
C SER A 227 -0.38 31.63 8.52
N GLY A 228 -0.19 30.31 8.63
CA GLY A 228 0.13 29.47 7.49
C GLY A 228 1.61 29.33 7.15
N ASP A 229 2.48 29.78 8.07
CA ASP A 229 3.93 29.73 7.82
C ASP A 229 4.68 28.61 8.54
N HIS A 230 3.95 27.70 9.18
CA HIS A 230 4.61 26.61 9.89
C HIS A 230 4.73 25.35 9.07
N GLU A 231 5.78 24.59 9.35
CA GLU A 231 6.11 23.39 8.58
C GLU A 231 4.95 22.42 8.38
N ASN A 232 4.24 22.10 9.46
CA ASN A 232 3.17 21.11 9.37
C ASN A 232 1.91 21.64 8.68
N ASN A 233 1.79 22.97 8.59
CA ASN A 233 0.56 23.59 8.09
C ASN A 233 0.08 23.08 6.72
N LYS A 234 1.01 22.73 5.85
CA LYS A 234 0.64 22.30 4.49
C LYS A 234 0.42 20.81 4.37
N MET A 235 0.71 20.07 5.43
CA MET A 235 0.66 18.62 5.41
C MET A 235 -0.50 17.98 6.19
N PHE A 236 -0.73 16.70 5.91
CA PHE A 236 -1.75 15.92 6.62
C PHE A 236 -1.19 15.19 7.87
N SER A 237 -1.96 15.27 8.96
CA SER A 237 -1.61 14.59 10.21
C SER A 237 -1.80 13.08 10.06
N GLN A 238 -1.33 12.32 11.05
CA GLN A 238 -1.53 10.88 11.04
C GLN A 238 -3.03 10.56 11.17
N CYS A 239 -3.77 11.43 11.85
CA CYS A 239 -5.21 11.22 11.99
C CYS A 239 -5.87 11.34 10.62
N SER A 240 -5.48 12.38 9.87
CA SER A 240 -6.07 12.58 8.55
C SER A 240 -5.65 11.45 7.63
N LYS A 241 -4.39 11.04 7.72
CA LYS A 241 -3.92 9.95 6.86
C LYS A 241 -4.72 8.69 7.09
N GLN A 242 -4.97 8.33 8.35
CA GLN A 242 -5.72 7.11 8.63
C GLN A 242 -7.14 7.18 8.04
N SER A 243 -7.80 8.34 8.16
CA SER A 243 -9.16 8.49 7.61
C SER A 243 -9.17 8.45 6.08
N ILE A 244 -8.26 9.20 5.48
CA ILE A 244 -8.19 9.29 4.02
C ILE A 244 -7.74 7.95 3.45
N TYR A 245 -6.83 7.28 4.14
CA TYR A 245 -6.36 5.98 3.68
C TYR A 245 -7.57 5.05 3.52
N LYS A 246 -8.39 4.96 4.56
CA LYS A 246 -9.59 4.13 4.50
C LYS A 246 -10.53 4.57 3.38
N THR A 247 -10.67 5.89 3.18
CA THR A 247 -11.55 6.40 2.13
C THR A 247 -11.06 5.99 0.74
N ILE A 248 -9.77 6.18 0.48
CA ILE A 248 -9.20 5.86 -0.81
C ILE A 248 -9.35 4.38 -1.09
N GLU A 249 -9.06 3.57 -0.09
CA GLU A 249 -9.19 2.12 -0.25
C GLU A 249 -10.61 1.71 -0.68
N SER A 250 -11.64 2.39 -0.16
CA SER A 250 -13.01 2.06 -0.54
C SER A 250 -13.52 2.74 -1.81
N LYS A 251 -12.93 3.88 -2.17
CA LYS A 251 -13.43 4.71 -3.29
C LYS A 251 -12.64 4.76 -4.59
N ALA A 252 -11.35 4.45 -4.55
CA ALA A 252 -10.54 4.53 -5.76
C ALA A 252 -11.10 3.69 -6.89
N GLN A 253 -11.49 2.45 -6.60
CA GLN A 253 -12.02 1.57 -7.64
C GLN A 253 -13.34 2.10 -8.17
N GLU A 254 -14.07 2.82 -7.32
CA GLU A 254 -15.37 3.38 -7.72
C GLU A 254 -15.30 4.51 -8.71
N CYS A 255 -14.42 5.48 -8.48
CA CYS A 255 -14.39 6.61 -9.39
C CYS A 255 -13.05 7.27 -9.74
N PHE A 256 -11.94 6.77 -9.18
CA PHE A 256 -10.64 7.35 -9.54
C PHE A 256 -10.24 6.82 -10.90
N GLN A 257 -9.40 7.58 -11.58
CA GLN A 257 -8.96 7.29 -12.94
C GLN A 257 -7.44 7.38 -12.99
N GLU A 258 -6.89 7.11 -14.17
CA GLU A 258 -5.44 7.16 -14.39
C GLU A 258 -5.00 8.62 -14.46
N ARG A 259 -3.80 8.89 -13.94
CA ARG A 259 -3.25 10.24 -14.00
C ARG A 259 -2.96 10.61 -15.46
N SER A 260 -3.31 11.84 -15.84
CA SER A 260 -3.12 12.32 -17.19
C SER A 260 -1.80 13.06 -17.38
N ASN A 261 -1.46 13.31 -18.65
CA ASN A 261 -0.26 14.05 -19.04
C ASN A 261 0.98 13.18 -19.01
N PRO B 6 26.18 -41.87 -5.21
CA PRO B 6 26.49 -40.46 -4.97
C PRO B 6 26.03 -39.56 -6.12
N MET B 7 25.32 -40.14 -7.09
CA MET B 7 24.85 -39.38 -8.25
C MET B 7 23.47 -38.75 -8.02
N LYS B 8 22.78 -39.23 -6.99
CA LYS B 8 21.51 -38.66 -6.57
C LYS B 8 21.95 -37.57 -5.61
N ASN B 9 22.44 -36.46 -6.18
CA ASN B 9 22.98 -35.37 -5.38
C ASN B 9 22.23 -34.02 -5.46
N THR B 10 21.09 -34.02 -6.15
CA THR B 10 20.34 -32.79 -6.36
C THR B 10 18.91 -32.85 -5.91
N CYS B 11 18.49 -31.84 -5.16
CA CYS B 11 17.10 -31.74 -4.74
C CYS B 11 16.44 -30.79 -5.73
N LYS B 12 15.60 -31.34 -6.62
CA LYS B 12 14.91 -30.54 -7.62
C LYS B 12 13.81 -29.72 -6.97
N LEU B 13 13.69 -28.48 -7.41
CA LEU B 13 12.74 -27.55 -6.82
C LEU B 13 11.62 -27.09 -7.72
N LEU B 14 10.45 -26.93 -7.15
CA LEU B 14 9.37 -26.22 -7.80
C LEU B 14 9.46 -24.83 -7.16
N VAL B 15 9.68 -23.80 -7.97
CA VAL B 15 9.79 -22.43 -7.44
C VAL B 15 8.58 -21.61 -7.86
N VAL B 16 7.92 -20.94 -6.91
CA VAL B 16 6.74 -20.14 -7.22
C VAL B 16 6.94 -18.70 -6.78
N ALA B 17 6.63 -17.79 -7.69
CA ALA B 17 6.68 -16.37 -7.37
C ALA B 17 5.24 -15.93 -7.41
N ASP B 18 4.72 -15.42 -6.29
CA ASP B 18 3.33 -14.98 -6.30
C ASP B 18 3.18 -13.61 -6.96
N HIS B 19 1.95 -13.13 -7.07
CA HIS B 19 1.71 -11.82 -7.69
C HIS B 19 2.40 -10.68 -6.98
N ARG B 20 2.60 -10.81 -5.66
CA ARG B 20 3.27 -9.75 -4.91
C ARG B 20 4.74 -9.70 -5.30
N PHE B 21 5.36 -10.87 -5.40
CA PHE B 21 6.77 -10.94 -5.79
C PHE B 21 6.94 -10.44 -7.23
N TYR B 22 6.08 -10.95 -8.10
CA TYR B 22 6.11 -10.58 -9.52
C TYR B 22 6.10 -9.07 -9.67
N ARG B 23 5.19 -8.43 -8.97
CA ARG B 23 5.04 -6.99 -9.04
C ARG B 23 6.13 -6.14 -8.41
N TYR B 24 6.44 -6.42 -7.14
CA TYR B 24 7.41 -5.63 -6.39
C TYR B 24 8.88 -6.03 -6.49
N MET B 25 9.16 -7.25 -6.94
CA MET B 25 10.54 -7.69 -7.09
C MET B 25 10.89 -7.92 -8.55
N GLY B 26 9.92 -8.40 -9.32
CA GLY B 26 10.13 -8.69 -10.73
C GLY B 26 9.70 -7.60 -11.69
N ARG B 27 9.33 -6.43 -11.16
CA ARG B 27 8.88 -5.30 -11.97
C ARG B 27 7.72 -5.61 -12.92
N GLY B 28 6.87 -6.54 -12.51
CA GLY B 28 5.74 -6.95 -13.34
C GLY B 28 6.16 -7.58 -14.66
N GLU B 29 7.38 -8.10 -14.71
CA GLU B 29 7.89 -8.75 -15.92
C GLU B 29 8.29 -10.19 -15.65
N GLU B 30 7.84 -11.09 -16.52
CA GLU B 30 8.16 -12.50 -16.38
C GLU B 30 9.66 -12.77 -16.49
N SER B 31 10.32 -12.12 -17.44
CA SER B 31 11.76 -12.33 -17.62
C SER B 31 12.52 -11.89 -16.36
N THR B 32 12.21 -10.69 -15.88
CA THR B 32 12.87 -10.12 -14.71
C THR B 32 12.70 -11.00 -13.46
N THR B 33 11.47 -11.47 -13.26
CA THR B 33 11.14 -12.33 -12.10
C THR B 33 11.90 -13.63 -12.20
N THR B 34 11.84 -14.25 -13.38
CA THR B 34 12.50 -15.51 -13.64
C THR B 34 14.01 -15.42 -13.39
N ASN B 35 14.63 -14.38 -13.94
CA ASN B 35 16.08 -14.21 -13.81
C ASN B 35 16.50 -14.02 -12.36
N TYR B 36 15.73 -13.24 -11.60
CA TYR B 36 16.02 -13.02 -10.18
C TYR B 36 16.09 -14.36 -9.44
N LEU B 37 15.09 -15.21 -9.69
CA LEU B 37 14.97 -16.50 -9.01
C LEU B 37 16.03 -17.46 -9.49
N ILE B 38 16.30 -17.46 -10.80
CA ILE B 38 17.36 -18.29 -11.33
C ILE B 38 18.66 -17.96 -10.61
N GLU B 39 19.02 -16.67 -10.58
CA GLU B 39 20.26 -16.28 -9.95
C GLU B 39 20.31 -16.57 -8.46
N LEU B 40 19.21 -16.30 -7.75
CA LEU B 40 19.16 -16.54 -6.31
C LEU B 40 19.38 -18.02 -6.01
N ILE B 41 18.63 -18.89 -6.68
CA ILE B 41 18.81 -20.33 -6.47
C ILE B 41 20.21 -20.79 -6.81
N ASP B 42 20.78 -20.22 -7.88
CA ASP B 42 22.14 -20.56 -8.27
C ASP B 42 23.12 -20.18 -7.16
N ARG B 43 22.96 -18.99 -6.57
CA ARG B 43 23.89 -18.59 -5.48
C ARG B 43 23.73 -19.44 -4.21
N VAL B 44 22.48 -19.75 -3.89
CA VAL B 44 22.21 -20.62 -2.73
C VAL B 44 22.81 -21.99 -3.02
N ASP B 45 22.67 -22.45 -4.27
CA ASP B 45 23.24 -23.75 -4.63
C ASP B 45 24.76 -23.76 -4.45
N ASP B 46 25.41 -22.62 -4.74
CA ASP B 46 26.85 -22.54 -4.57
C ASP B 46 27.23 -22.85 -3.12
N ILE B 47 26.44 -22.34 -2.20
CA ILE B 47 26.69 -22.59 -0.78
C ILE B 47 26.53 -24.06 -0.45
N TYR B 48 25.41 -24.64 -0.87
CA TYR B 48 25.16 -26.06 -0.63
C TYR B 48 26.24 -26.95 -1.23
N ARG B 49 26.57 -26.74 -2.50
CA ARG B 49 27.53 -27.62 -3.17
C ARG B 49 28.90 -27.63 -2.53
N ASN B 50 29.31 -26.49 -2.00
CA ASN B 50 30.63 -26.39 -1.42
C ASN B 50 30.69 -26.88 0.03
N THR B 51 29.54 -27.28 0.56
CA THR B 51 29.48 -27.77 1.93
C THR B 51 29.90 -29.24 2.01
N ALA B 52 30.87 -29.52 2.87
CA ALA B 52 31.30 -30.91 3.09
C ALA B 52 30.54 -31.38 4.32
N TRP B 53 29.44 -32.10 4.11
CA TRP B 53 28.57 -32.56 5.18
C TRP B 53 29.21 -33.40 6.26
N ASP B 54 30.25 -34.14 5.88
CA ASP B 54 31.00 -35.00 6.82
C ASP B 54 32.36 -34.39 7.12
N ASN B 55 32.54 -33.13 6.70
CA ASN B 55 33.80 -32.42 6.90
C ASN B 55 34.93 -33.03 6.12
N ALA B 56 34.59 -33.90 5.17
CA ALA B 56 35.59 -34.55 4.35
C ALA B 56 35.35 -34.29 2.88
N GLY B 57 34.89 -35.30 2.16
CA GLY B 57 34.66 -35.19 0.74
C GLY B 57 33.23 -35.41 0.35
N PHE B 58 32.36 -35.54 1.34
CA PHE B 58 30.94 -35.75 1.08
C PHE B 58 30.34 -34.37 0.75
N LYS B 59 30.68 -33.86 -0.43
CA LYS B 59 30.17 -32.57 -0.89
C LYS B 59 29.50 -32.75 -2.25
N GLY B 60 29.14 -31.64 -2.89
CA GLY B 60 28.51 -31.71 -4.19
C GLY B 60 27.00 -31.88 -4.16
N TYR B 61 26.40 -31.77 -2.97
CA TYR B 61 24.95 -31.89 -2.86
C TYR B 61 24.33 -30.51 -2.97
N GLY B 62 23.20 -30.41 -3.63
CA GLY B 62 22.58 -29.10 -3.77
C GLY B 62 21.19 -29.11 -4.31
N ILE B 63 20.85 -28.00 -4.94
CA ILE B 63 19.52 -27.75 -5.44
C ILE B 63 19.54 -27.33 -6.92
N GLN B 64 18.39 -27.43 -7.55
CA GLN B 64 18.27 -27.05 -8.95
C GLN B 64 16.78 -26.80 -9.24
N ILE B 65 16.48 -25.71 -9.94
CA ILE B 65 15.09 -25.39 -10.27
C ILE B 65 14.66 -26.37 -11.36
N GLU B 66 13.54 -27.04 -11.12
CA GLU B 66 12.98 -28.01 -12.06
C GLU B 66 11.87 -27.28 -12.80
N GLN B 67 11.08 -26.52 -12.06
CA GLN B 67 10.01 -25.73 -12.62
C GLN B 67 9.84 -24.39 -11.92
N ILE B 68 9.58 -23.35 -12.69
CA ILE B 68 9.27 -22.03 -12.17
C ILE B 68 7.83 -21.71 -12.54
N ARG B 69 7.06 -21.23 -11.58
CA ARG B 69 5.70 -20.80 -11.83
C ARG B 69 5.59 -19.35 -11.39
N ILE B 70 5.23 -18.48 -12.33
CA ILE B 70 5.12 -17.05 -12.06
C ILE B 70 3.64 -16.68 -12.08
N LEU B 71 3.11 -16.25 -10.94
CA LEU B 71 1.70 -15.86 -10.85
C LEU B 71 1.57 -14.36 -11.09
N LYS B 72 1.20 -14.02 -12.32
CA LYS B 72 1.13 -12.62 -12.74
C LYS B 72 0.10 -11.71 -12.10
N SER B 73 -0.96 -12.29 -11.55
CA SER B 73 -1.99 -11.47 -10.93
C SER B 73 -2.62 -12.26 -9.78
N PRO B 74 -3.40 -11.57 -8.93
CA PRO B 74 -4.02 -12.21 -7.77
C PRO B 74 -4.99 -13.32 -8.12
N GLN B 75 -5.13 -14.27 -7.20
CA GLN B 75 -6.07 -15.35 -7.37
C GLN B 75 -7.45 -14.83 -6.95
N GLU B 76 -8.45 -15.10 -7.79
CA GLU B 76 -9.82 -14.71 -7.46
C GLU B 76 -10.34 -15.74 -6.45
N VAL B 77 -11.00 -15.27 -5.39
CA VAL B 77 -11.56 -16.20 -4.40
C VAL B 77 -13.01 -15.82 -4.05
N LYS B 78 -13.84 -16.83 -3.80
CA LYS B 78 -15.24 -16.56 -3.44
C LYS B 78 -15.29 -16.22 -1.96
N PRO B 79 -16.41 -15.62 -1.51
CA PRO B 79 -16.53 -15.22 -0.10
C PRO B 79 -16.21 -16.40 0.84
N GLY B 80 -15.35 -16.15 1.83
CA GLY B 80 -14.94 -17.19 2.77
C GLY B 80 -13.86 -18.12 2.24
N GLU B 81 -13.46 -17.92 1.00
CA GLU B 81 -12.44 -18.76 0.38
C GLU B 81 -11.06 -18.12 0.53
N LYS B 82 -10.04 -18.96 0.67
CA LYS B 82 -8.64 -18.52 0.78
C LYS B 82 -7.79 -19.18 -0.30
N HIS B 83 -6.68 -18.53 -0.66
CA HIS B 83 -5.72 -19.06 -1.63
C HIS B 83 -4.44 -18.26 -1.38
N TYR B 84 -3.29 -18.92 -1.39
CA TYR B 84 -2.04 -18.23 -1.07
C TYR B 84 -1.73 -17.01 -1.94
N ASN B 85 -2.22 -17.05 -3.17
CA ASN B 85 -1.99 -15.98 -4.13
C ASN B 85 -3.16 -14.99 -4.22
N MET B 86 -4.11 -15.04 -3.29
CA MET B 86 -5.21 -14.07 -3.33
C MET B 86 -4.70 -12.66 -3.02
N ALA B 87 -5.47 -11.64 -3.39
CA ALA B 87 -5.05 -10.25 -3.17
C ALA B 87 -4.95 -9.85 -1.69
N LYS B 88 -5.96 -10.25 -0.91
CA LYS B 88 -6.02 -9.90 0.50
C LYS B 88 -5.16 -10.82 1.38
N SER B 89 -4.73 -10.29 2.51
CA SER B 89 -3.94 -11.05 3.47
C SER B 89 -4.94 -11.76 4.39
N TYR B 90 -4.48 -12.79 5.07
CA TYR B 90 -5.32 -13.57 5.97
C TYR B 90 -4.50 -14.01 7.19
N PRO B 91 -5.10 -13.97 8.38
CA PRO B 91 -6.50 -13.75 8.76
C PRO B 91 -6.96 -12.31 8.84
N ASN B 92 -6.02 -11.38 8.91
CA ASN B 92 -6.36 -9.97 9.03
C ASN B 92 -6.15 -9.22 7.71
N GLU B 93 -7.27 -8.93 7.06
CA GLU B 93 -7.29 -8.24 5.78
C GLU B 93 -6.66 -6.85 5.84
N GLU B 94 -6.59 -6.27 7.04
CA GLU B 94 -6.04 -4.92 7.22
C GLU B 94 -4.51 -4.86 7.28
N LYS B 95 -3.86 -6.00 7.50
CA LYS B 95 -2.40 -6.04 7.60
C LYS B 95 -1.74 -6.26 6.23
N ASP B 96 -0.45 -5.93 6.13
CA ASP B 96 0.27 -6.09 4.87
C ASP B 96 0.44 -7.55 4.48
N ALA B 97 0.54 -8.40 5.49
CA ALA B 97 0.81 -9.79 5.28
C ALA B 97 -0.10 -10.77 5.97
N TRP B 98 -0.03 -12.01 5.52
CA TRP B 98 -0.73 -13.11 6.15
C TRP B 98 -0.04 -13.40 7.48
N ASP B 99 -0.69 -14.25 8.27
CA ASP B 99 -0.01 -14.82 9.42
C ASP B 99 0.90 -15.84 8.72
N VAL B 100 2.19 -15.78 8.98
CA VAL B 100 3.16 -16.62 8.28
C VAL B 100 2.89 -18.12 8.29
N LYS B 101 2.53 -18.65 9.45
CA LYS B 101 2.28 -20.09 9.55
C LYS B 101 1.09 -20.49 8.69
N MET B 102 0.03 -19.70 8.76
CA MET B 102 -1.17 -19.95 7.96
C MET B 102 -0.86 -19.87 6.47
N LEU B 103 0.01 -18.94 6.09
CA LEU B 103 0.36 -18.80 4.69
C LEU B 103 1.10 -20.03 4.15
N LEU B 104 2.04 -20.57 4.93
CA LEU B 104 2.77 -21.73 4.47
C LEU B 104 1.84 -22.94 4.33
N GLU B 105 0.92 -23.08 5.27
CA GLU B 105 -0.02 -24.20 5.21
C GLU B 105 -0.95 -24.04 4.00
N GLN B 106 -1.39 -22.81 3.73
CA GLN B 106 -2.23 -22.55 2.57
C GLN B 106 -1.48 -22.83 1.26
N PHE B 107 -0.26 -22.33 1.15
CA PHE B 107 0.57 -22.61 -0.02
C PHE B 107 0.67 -24.12 -0.26
N SER B 108 0.98 -24.86 0.80
CA SER B 108 1.13 -26.32 0.71
C SER B 108 -0.19 -26.95 0.23
N PHE B 109 -1.30 -26.45 0.71
CA PHE B 109 -2.61 -27.00 0.31
C PHE B 109 -2.84 -26.76 -1.20
N ASP B 110 -2.71 -25.50 -1.62
CA ASP B 110 -2.94 -25.11 -3.02
C ASP B 110 -2.01 -25.77 -4.04
N ILE B 111 -0.76 -25.94 -3.65
CA ILE B 111 0.25 -26.51 -4.53
C ILE B 111 0.48 -28.01 -4.39
N ALA B 112 -0.34 -28.67 -3.57
CA ALA B 112 -0.16 -30.10 -3.28
C ALA B 112 0.11 -31.02 -4.48
N GLU B 113 -0.70 -30.91 -5.52
CA GLU B 113 -0.56 -31.75 -6.70
C GLU B 113 0.84 -31.62 -7.31
N GLU B 114 1.30 -30.39 -7.50
CA GLU B 114 2.63 -30.17 -8.05
C GLU B 114 3.74 -30.53 -7.07
N ALA B 115 3.54 -30.22 -5.78
CA ALA B 115 4.54 -30.54 -4.76
C ALA B 115 4.81 -32.03 -4.67
N SER B 116 3.78 -32.84 -4.94
CA SER B 116 3.93 -34.30 -4.85
C SER B 116 4.95 -34.83 -5.84
N LYS B 117 5.25 -34.05 -6.86
CA LYS B 117 6.19 -34.49 -7.88
C LYS B 117 7.62 -34.00 -7.77
N VAL B 118 7.92 -33.15 -6.78
CA VAL B 118 9.28 -32.62 -6.66
C VAL B 118 9.85 -32.81 -5.26
N CYS B 119 11.18 -32.70 -5.14
CA CYS B 119 11.87 -32.81 -3.86
C CYS B 119 11.40 -31.72 -2.88
N LEU B 120 11.32 -30.48 -3.37
CA LEU B 120 10.83 -29.39 -2.53
C LEU B 120 10.09 -28.37 -3.37
N ALA B 121 9.18 -27.63 -2.72
CA ALA B 121 8.47 -26.53 -3.36
C ALA B 121 8.78 -25.31 -2.51
N HIS B 122 9.04 -24.17 -3.16
CA HIS B 122 9.35 -22.95 -2.40
C HIS B 122 8.58 -21.78 -2.96
N LEU B 123 7.94 -21.05 -2.06
CA LEU B 123 7.19 -19.85 -2.39
C LEU B 123 8.03 -18.60 -2.15
N PHE B 124 8.13 -17.75 -3.18
CA PHE B 124 8.76 -16.44 -3.03
C PHE B 124 7.67 -15.38 -3.01
N THR B 125 7.63 -14.58 -1.96
CA THR B 125 6.58 -13.58 -1.83
C THR B 125 7.15 -12.23 -1.43
N TYR B 126 6.27 -11.24 -1.34
CA TYR B 126 6.69 -9.90 -0.96
C TYR B 126 5.62 -9.34 -0.03
N GLN B 127 5.79 -9.58 1.25
CA GLN B 127 4.84 -9.09 2.23
C GLN B 127 5.51 -8.98 3.58
N ASP B 128 5.12 -7.96 4.33
CA ASP B 128 5.74 -7.65 5.61
C ASP B 128 5.15 -8.43 6.79
N PHE B 129 5.71 -9.61 7.08
CA PHE B 129 5.20 -10.40 8.20
C PHE B 129 5.49 -9.72 9.53
N ASP B 130 4.61 -9.95 10.49
CA ASP B 130 4.73 -9.39 11.82
C ASP B 130 6.05 -9.72 12.50
N MET B 131 6.47 -8.83 13.39
CA MET B 131 7.66 -9.06 14.20
C MET B 131 8.95 -9.38 13.47
N GLY B 132 9.12 -8.88 12.25
CA GLY B 132 10.35 -9.09 11.52
C GLY B 132 10.62 -10.49 11.00
N THR B 133 9.58 -11.32 10.94
CA THR B 133 9.75 -12.67 10.39
C THR B 133 9.99 -12.57 8.89
N LEU B 134 10.87 -13.41 8.36
CA LEU B 134 11.21 -13.39 6.94
C LEU B 134 10.85 -14.63 6.15
N GLY B 135 10.72 -15.77 6.82
CA GLY B 135 10.43 -16.98 6.05
C GLY B 135 9.98 -18.08 7.00
N LEU B 136 9.65 -19.24 6.45
CA LEU B 136 9.19 -20.36 7.27
C LEU B 136 9.33 -21.62 6.43
N ALA B 137 9.61 -22.74 7.09
CA ALA B 137 9.75 -23.99 6.35
C ALA B 137 9.51 -25.17 7.29
N TYR B 138 9.17 -26.32 6.70
CA TYR B 138 8.95 -27.54 7.50
C TYR B 138 10.20 -28.41 7.46
N GLY B 139 10.41 -29.21 8.49
CA GLY B 139 11.52 -30.14 8.47
C GLY B 139 12.49 -30.05 9.63
N GLY B 140 12.46 -28.92 10.33
CA GLY B 140 13.33 -28.71 11.47
C GLY B 140 12.58 -28.29 12.72
N SER B 141 11.30 -28.65 12.78
CA SER B 141 10.45 -28.31 13.93
C SER B 141 9.37 -29.37 14.16
N PRO B 142 9.03 -29.64 15.44
CA PRO B 142 9.56 -29.02 16.67
C PRO B 142 11.02 -29.40 16.98
N ARG B 143 11.57 -30.32 16.20
CA ARG B 143 12.96 -30.73 16.39
C ARG B 143 13.59 -31.08 15.04
N ALA B 144 14.92 -31.19 15.03
CA ALA B 144 15.65 -31.54 13.82
C ALA B 144 15.09 -32.81 13.19
N ASN B 145 15.11 -32.87 11.85
CA ASN B 145 14.64 -34.04 11.13
C ASN B 145 13.22 -34.44 11.52
N SER B 146 12.34 -33.43 11.63
CA SER B 146 10.94 -33.68 11.97
C SER B 146 10.14 -34.02 10.72
N HIS B 147 8.82 -34.04 10.85
CA HIS B 147 7.93 -34.31 9.72
C HIS B 147 8.08 -33.20 8.67
N GLY B 148 8.09 -33.55 7.39
CA GLY B 148 8.23 -32.54 6.36
C GLY B 148 9.65 -32.41 5.84
N GLY B 149 9.91 -31.39 5.04
CA GLY B 149 11.25 -31.23 4.50
C GLY B 149 11.39 -31.97 3.17
N VAL B 150 12.64 -32.22 2.77
CA VAL B 150 12.92 -32.85 1.49
C VAL B 150 12.14 -34.15 1.25
N CYS B 151 11.69 -34.32 0.01
CA CYS B 151 10.99 -35.51 -0.50
C CYS B 151 9.51 -35.52 -0.18
N PRO B 152 8.68 -35.58 -1.22
CA PRO B 152 7.26 -35.52 -0.89
C PRO B 152 6.75 -36.78 -0.18
N LYS B 153 6.01 -36.55 0.90
CA LYS B 153 5.41 -37.63 1.69
C LYS B 153 4.04 -37.10 2.06
N ALA B 154 3.00 -37.79 1.61
CA ALA B 154 1.65 -37.34 1.87
C ALA B 154 1.29 -37.28 3.34
N TYR B 155 0.58 -36.22 3.72
CA TYR B 155 0.04 -36.03 5.07
C TYR B 155 -1.42 -35.68 4.83
N TYR B 156 -2.33 -36.48 5.36
CA TYR B 156 -3.74 -36.20 5.14
C TYR B 156 -4.23 -35.00 5.95
N SER B 157 -4.94 -34.08 5.29
CA SER B 157 -5.48 -32.91 5.96
C SER B 157 -6.97 -33.09 6.14
N PRO B 158 -7.41 -33.35 7.39
CA PRO B 158 -8.85 -33.56 7.61
C PRO B 158 -9.71 -32.41 7.08
N VAL B 159 -9.35 -31.19 7.46
CA VAL B 159 -10.05 -29.98 7.01
C VAL B 159 -9.96 -29.82 5.48
N GLY B 160 -8.81 -30.18 4.93
CA GLY B 160 -8.55 -30.03 3.50
C GLY B 160 -9.21 -31.10 2.67
N LYS B 161 -9.56 -32.22 3.30
CA LYS B 161 -10.18 -33.36 2.63
C LYS B 161 -9.29 -33.94 1.54
N LYS B 162 -7.99 -33.78 1.70
CA LYS B 162 -7.05 -34.31 0.73
C LYS B 162 -5.65 -34.41 1.31
N ASN B 163 -4.76 -35.05 0.58
CA ASN B 163 -3.38 -35.17 0.97
C ASN B 163 -2.65 -33.87 0.62
N ILE B 164 -1.80 -33.43 1.54
CA ILE B 164 -0.93 -32.27 1.29
C ILE B 164 0.49 -32.76 1.53
N TYR B 165 1.47 -31.94 1.15
CA TYR B 165 2.86 -32.32 1.34
C TYR B 165 3.54 -31.23 2.14
N LEU B 166 4.49 -31.63 2.98
CA LEU B 166 5.19 -30.70 3.86
C LEU B 166 6.63 -30.50 3.37
N ASN B 167 6.86 -30.71 2.06
CA ASN B 167 8.19 -30.51 1.47
C ASN B 167 8.22 -29.07 0.97
N SER B 168 7.84 -28.13 1.84
CA SER B 168 7.69 -26.75 1.43
C SER B 168 8.32 -25.70 2.34
N GLY B 169 8.41 -24.48 1.82
CA GLY B 169 9.00 -23.38 2.58
C GLY B 169 8.70 -22.12 1.81
N LEU B 170 8.90 -20.97 2.44
CA LEU B 170 8.69 -19.69 1.77
C LEU B 170 9.69 -18.66 2.25
N THR B 171 9.91 -17.64 1.42
CA THR B 171 10.82 -16.52 1.69
C THR B 171 10.08 -15.24 1.31
N SER B 172 10.10 -14.23 2.18
CA SER B 172 9.60 -12.91 1.81
C SER B 172 10.80 -11.97 1.68
N THR B 173 10.80 -11.12 0.65
CA THR B 173 11.92 -10.17 0.48
C THR B 173 11.49 -8.74 0.91
N LYS B 174 10.46 -8.69 1.75
CA LYS B 174 10.02 -7.42 2.32
C LYS B 174 10.05 -7.53 3.84
N ASN B 175 10.60 -6.50 4.48
CA ASN B 175 10.66 -6.46 5.93
C ASN B 175 10.67 -5.00 6.38
N TYR B 176 9.84 -4.69 7.36
CA TYR B 176 9.74 -3.33 7.90
C TYR B 176 9.55 -2.28 6.83
N GLY B 177 8.62 -2.53 5.92
CA GLY B 177 8.27 -1.63 4.84
C GLY B 177 9.24 -1.47 3.68
N LYS B 178 10.33 -2.23 3.70
CA LYS B 178 11.32 -2.12 2.63
C LYS B 178 11.76 -3.45 2.03
N THR B 179 12.39 -3.39 0.86
CA THR B 179 12.95 -4.57 0.22
C THR B 179 14.25 -4.89 0.96
N ILE B 180 14.44 -6.15 1.33
CA ILE B 180 15.68 -6.52 2.01
C ILE B 180 16.74 -6.62 0.93
N LEU B 181 17.99 -6.63 1.33
CA LEU B 181 19.09 -6.70 0.40
C LEU B 181 19.08 -8.08 -0.22
N THR B 182 19.57 -8.17 -1.45
CA THR B 182 19.69 -9.45 -2.12
C THR B 182 20.55 -10.41 -1.30
N LYS B 183 21.61 -9.91 -0.67
CA LYS B 183 22.47 -10.80 0.12
C LYS B 183 21.70 -11.39 1.31
N GLU B 184 20.74 -10.63 1.81
CA GLU B 184 19.89 -11.07 2.92
C GLU B 184 18.86 -12.10 2.42
N ALA B 185 18.28 -11.85 1.24
CA ALA B 185 17.33 -12.78 0.61
C ALA B 185 18.02 -14.15 0.43
N ASP B 186 19.25 -14.14 -0.07
CA ASP B 186 20.00 -15.40 -0.24
C ASP B 186 20.06 -16.16 1.10
N LEU B 187 20.36 -15.44 2.18
CA LEU B 187 20.49 -16.06 3.51
C LEU B 187 19.17 -16.66 4.01
N VAL B 188 18.08 -15.94 3.83
CA VAL B 188 16.75 -16.43 4.26
C VAL B 188 16.43 -17.72 3.52
N THR B 189 16.59 -17.69 2.20
CA THR B 189 16.30 -18.90 1.42
C THR B 189 17.23 -20.07 1.80
N THR B 190 18.51 -19.77 2.02
CA THR B 190 19.46 -20.81 2.42
C THR B 190 18.98 -21.42 3.76
N HIS B 191 18.60 -20.54 4.67
CA HIS B 191 18.15 -20.93 6.02
C HIS B 191 16.88 -21.79 5.98
N GLU B 192 15.92 -21.36 5.19
CA GLU B 192 14.65 -22.08 5.07
C GLU B 192 14.87 -23.46 4.43
N LEU B 193 15.65 -23.50 3.34
CA LEU B 193 15.99 -24.77 2.72
C LEU B 193 16.83 -25.61 3.70
N GLY B 194 17.58 -24.94 4.57
CA GLY B 194 18.35 -25.63 5.59
C GLY B 194 17.43 -26.43 6.50
N HIS B 195 16.35 -25.80 6.96
CA HIS B 195 15.30 -26.51 7.72
C HIS B 195 14.76 -27.69 6.90
N ASN B 196 14.44 -27.44 5.63
CA ASN B 196 13.93 -28.50 4.74
C ASN B 196 14.91 -29.68 4.69
N PHE B 197 16.21 -29.40 4.65
CA PHE B 197 17.25 -30.44 4.58
C PHE B 197 17.46 -31.11 5.96
N GLY B 198 16.69 -30.70 6.96
CA GLY B 198 16.76 -31.30 8.29
C GLY B 198 17.51 -30.59 9.42
N ALA B 199 18.03 -29.40 9.16
CA ALA B 199 18.73 -28.68 10.22
C ALA B 199 17.76 -28.00 11.17
N GLU B 200 18.16 -27.87 12.44
CA GLU B 200 17.37 -27.08 13.36
C GLU B 200 18.28 -25.88 13.60
N HIS B 201 17.86 -24.95 14.46
CA HIS B 201 18.68 -23.77 14.71
C HIS B 201 19.95 -24.09 15.44
N ASP B 202 20.98 -23.27 15.20
CA ASP B 202 22.21 -23.37 15.94
C ASP B 202 21.87 -22.76 17.30
N PRO B 203 22.69 -23.02 18.32
CA PRO B 203 22.38 -22.39 19.61
C PRO B 203 22.50 -20.87 19.52
N ASP B 204 21.73 -20.16 20.35
CA ASP B 204 21.87 -18.71 20.37
C ASP B 204 23.07 -18.34 21.24
N GLY B 205 23.56 -17.10 21.13
CA GLY B 205 24.70 -16.69 21.93
C GLY B 205 26.01 -17.19 21.36
N LEU B 206 26.91 -17.67 22.23
CA LEU B 206 28.23 -18.14 21.83
C LEU B 206 28.38 -19.64 22.12
N ALA B 207 28.76 -20.40 21.09
CA ALA B 207 28.93 -21.85 21.25
C ALA B 207 29.77 -22.28 20.07
N GLU B 208 30.18 -23.54 20.04
CA GLU B 208 30.98 -24.05 18.94
C GLU B 208 30.29 -23.71 17.61
N CYS B 209 28.98 -23.93 17.60
CA CYS B 209 28.14 -23.70 16.42
C CYS B 209 27.59 -22.29 16.27
N ALA B 210 28.14 -21.35 17.05
CA ALA B 210 27.71 -19.95 16.96
C ALA B 210 28.91 -19.12 17.42
N PRO B 211 29.94 -19.05 16.57
CA PRO B 211 31.23 -18.40 16.91
C PRO B 211 31.17 -16.92 17.17
N ASN B 212 32.26 -16.37 17.70
CA ASN B 212 32.31 -14.95 17.95
C ASN B 212 32.64 -14.20 16.66
N GLU B 213 32.57 -12.88 16.72
CA GLU B 213 32.84 -12.02 15.57
C GLU B 213 34.23 -12.25 14.98
N ASP B 214 35.22 -12.29 15.85
CA ASP B 214 36.60 -12.52 15.46
C ASP B 214 36.76 -13.78 14.61
N GLN B 215 35.95 -14.78 14.92
CA GLN B 215 36.00 -16.07 14.24
C GLN B 215 35.12 -16.15 12.98
N GLY B 216 34.54 -15.03 12.57
CA GLY B 216 33.71 -15.05 11.38
C GLY B 216 32.21 -14.89 11.63
N GLY B 217 31.80 -14.82 12.90
CA GLY B 217 30.39 -14.64 13.22
C GLY B 217 29.54 -15.90 13.20
N LYS B 218 28.23 -15.72 13.24
CA LYS B 218 27.29 -16.84 13.31
C LYS B 218 27.13 -17.54 11.97
N TYR B 219 26.64 -18.77 12.03
CA TYR B 219 26.39 -19.57 10.84
C TYR B 219 24.95 -19.35 10.37
N VAL B 220 24.63 -19.83 9.16
CA VAL B 220 23.32 -19.57 8.55
C VAL B 220 22.07 -20.02 9.31
N MET B 221 22.21 -21.06 10.13
CA MET B 221 21.06 -21.56 10.90
C MET B 221 20.93 -20.89 12.27
N TYR B 222 21.63 -19.76 12.43
CA TYR B 222 21.49 -18.97 13.65
C TYR B 222 20.02 -18.57 13.75
N PRO B 223 19.44 -18.57 14.97
CA PRO B 223 17.98 -18.33 15.04
C PRO B 223 17.50 -16.91 14.83
N ILE B 224 18.42 -15.95 14.80
CA ILE B 224 18.07 -14.54 14.62
C ILE B 224 18.62 -14.05 13.29
N ALA B 225 17.83 -13.23 12.61
CA ALA B 225 18.26 -12.62 11.35
C ALA B 225 18.56 -11.13 11.56
N VAL B 226 19.84 -10.82 11.74
CA VAL B 226 20.28 -9.44 11.89
C VAL B 226 21.76 -9.34 11.54
N SER B 227 22.12 -8.28 10.81
CA SER B 227 23.52 -8.07 10.41
C SER B 227 24.09 -9.25 9.64
N GLY B 228 23.45 -9.64 8.55
CA GLY B 228 23.92 -10.78 7.77
C GLY B 228 25.16 -10.46 6.94
N ASP B 229 26.15 -9.81 7.56
CA ASP B 229 27.36 -9.34 6.88
C ASP B 229 28.73 -9.86 7.37
N HIS B 230 28.73 -11.02 8.03
CA HIS B 230 29.98 -11.63 8.51
C HIS B 230 30.26 -12.88 7.69
N GLU B 231 31.53 -13.25 7.60
CA GLU B 231 31.95 -14.38 6.77
C GLU B 231 31.16 -15.68 6.95
N ASN B 232 30.92 -16.08 8.20
CA ASN B 232 30.24 -17.37 8.47
C ASN B 232 28.74 -17.38 8.16
N ASN B 233 28.14 -16.20 8.14
CA ASN B 233 26.69 -16.07 7.97
C ASN B 233 26.10 -16.87 6.82
N LYS B 234 26.85 -17.04 5.76
CA LYS B 234 26.32 -17.76 4.61
C LYS B 234 26.67 -19.26 4.62
N MET B 235 27.44 -19.69 5.62
CA MET B 235 27.92 -21.08 5.74
C MET B 235 27.13 -21.89 6.79
N PHE B 236 27.19 -23.22 6.69
CA PHE B 236 26.54 -24.08 7.69
C PHE B 236 27.49 -24.46 8.84
N SER B 237 26.96 -24.51 10.06
CA SER B 237 27.76 -24.90 11.22
C SER B 237 28.02 -26.41 11.22
N GLN B 238 28.83 -26.88 12.17
CA GLN B 238 29.06 -28.32 12.36
C GLN B 238 27.75 -28.95 12.80
N CYS B 239 26.98 -28.22 13.59
CA CYS B 239 25.70 -28.72 14.08
C CYS B 239 24.72 -28.95 12.93
N SER B 240 24.66 -28.01 11.99
CA SER B 240 23.77 -28.13 10.84
C SER B 240 24.25 -29.27 9.95
N LYS B 241 25.56 -29.39 9.78
CA LYS B 241 26.15 -30.44 8.94
C LYS B 241 25.76 -31.82 9.47
N GLN B 242 25.89 -32.01 10.77
CA GLN B 242 25.55 -33.29 11.36
C GLN B 242 24.09 -33.67 11.12
N SER B 243 23.19 -32.71 11.29
CA SER B 243 21.77 -32.97 11.08
C SER B 243 21.42 -33.19 9.60
N ILE B 244 22.01 -32.39 8.73
CA ILE B 244 21.73 -32.51 7.29
C ILE B 244 22.35 -33.79 6.68
N TYR B 245 23.55 -34.13 7.15
CA TYR B 245 24.21 -35.35 6.69
C TYR B 245 23.28 -36.54 6.95
N LYS B 246 22.65 -36.56 8.12
CA LYS B 246 21.70 -37.62 8.47
C LYS B 246 20.53 -37.63 7.50
N THR B 247 20.05 -36.45 7.10
CA THR B 247 18.94 -36.36 6.15
C THR B 247 19.37 -36.93 4.81
N ILE B 248 20.50 -36.42 4.31
CA ILE B 248 21.02 -36.78 2.99
C ILE B 248 21.28 -38.26 2.87
N GLU B 249 21.84 -38.84 3.92
CA GLU B 249 22.12 -40.27 3.91
C GLU B 249 20.86 -41.12 3.82
N SER B 250 19.75 -40.61 4.36
CA SER B 250 18.51 -41.39 4.33
C SER B 250 17.45 -41.00 3.31
N LYS B 251 17.61 -39.84 2.65
CA LYS B 251 16.59 -39.38 1.70
C LYS B 251 17.05 -39.06 0.27
N ALA B 252 18.36 -39.07 0.03
CA ALA B 252 18.86 -38.81 -1.31
C ALA B 252 18.44 -39.92 -2.25
N GLN B 253 18.41 -41.16 -1.76
CA GLN B 253 18.00 -42.29 -2.58
C GLN B 253 16.51 -42.24 -2.86
N GLU B 254 15.77 -41.65 -1.94
CA GLU B 254 14.33 -41.51 -2.07
C GLU B 254 13.87 -40.48 -3.11
N CYS B 255 14.51 -39.32 -3.15
CA CYS B 255 14.06 -38.31 -4.10
C CYS B 255 15.11 -37.38 -4.71
N PHE B 256 16.38 -37.54 -4.35
CA PHE B 256 17.42 -36.70 -4.96
C PHE B 256 17.71 -37.29 -6.35
N GLN B 257 18.13 -36.44 -7.28
CA GLN B 257 18.42 -36.87 -8.64
C GLN B 257 19.75 -36.32 -9.11
N GLU B 258 20.11 -36.64 -10.34
CA GLU B 258 21.32 -36.10 -10.93
C GLU B 258 20.96 -34.71 -11.40
N ARG B 259 21.97 -33.89 -11.68
CA ARG B 259 21.74 -32.57 -12.22
C ARG B 259 21.11 -32.75 -13.61
N SER B 260 21.55 -33.78 -14.32
CA SER B 260 21.05 -34.10 -15.65
C SER B 260 19.53 -34.25 -15.68
ZN ZN C . -13.07 21.88 7.98
C0 INN D . -13.97 26.05 7.88
C INN D . -13.91 24.54 7.62
O INN D . -13.71 23.71 8.54
N INN D . -13.94 24.18 6.35
O4 INN D . -14.00 22.80 6.22
C4 INN D . -12.56 28.01 8.33
O1 INN D . -13.08 28.71 7.48
CA INN D . -12.47 26.52 8.05
CB INN D . -11.52 26.23 6.81
C1 INN D . -10.05 26.61 7.02
C2 INN D . -9.38 26.02 8.30
C3 INN D . -9.22 26.21 5.80
N1 INN D . -12.09 28.41 9.51
C5 INN D . -12.15 29.79 9.97
C6 INN D . -13.12 29.76 11.21
C7 INN D . -14.46 29.10 10.82
C8 INN D . -12.46 28.92 12.36
C9 INN D . -13.38 31.23 11.71
C10 INN D . -10.83 30.53 10.24
O2 INN D . -10.05 30.08 11.12
N2 INN D . -10.63 31.66 9.48
C11 INN D . -9.46 32.55 9.57
C13 INN D . -10.06 33.80 10.20
O3 INN D . -10.70 34.54 9.49
C12 INN D . -8.78 32.88 8.22
N4 INN D . -12.04 35.44 13.98
C15 INN D . -11.88 34.92 12.61
C14 INN D . -10.45 35.21 12.12
N3 INN D . -9.88 34.03 11.50
ZN ZN E . 14.80 -21.00 11.27
C1 642 F . 12.07 -18.14 10.73
C2 642 F . 12.67 -16.97 11.50
C3 642 F . 11.40 -17.65 11.99
C4 642 F . 12.87 -19.41 10.66
O1 642 F . 13.59 -19.64 11.78
O2 642 F . 12.98 -20.21 9.68
C5 642 F . 12.53 -15.56 10.98
N1 642 F . 13.63 -14.85 11.25
O3 642 F . 11.54 -15.15 10.41
C6 642 F . 14.66 -15.66 11.92
C7 642 F . 13.93 -16.96 12.37
C8 642 F . 15.73 -15.95 10.88
C9 642 F . 17.08 -16.12 11.23
C10 642 F . 18.04 -16.34 10.25
C11 642 F . 17.67 -16.39 8.87
C12 642 F . 16.31 -16.26 8.51
C13 642 F . 15.36 -16.03 9.51
O4 642 F . 18.61 -16.58 7.86
C14 642 F . 19.99 -16.57 8.21
C15 642 F . 20.51 -15.14 8.54
N2 642 F . 21.40 -12.50 9.08
C16 642 F . 20.29 -12.73 8.33
C17 642 F . 19.78 -14.05 8.05
C18 642 F . 22.06 -13.53 9.59
C19 642 F . 21.65 -14.87 9.33
C20 642 F . 22.45 -15.91 9.90
C21 642 F . 23.57 -15.65 10.69
C22 642 F . 23.94 -14.36 10.95
C23 642 F . 23.19 -13.32 10.38
C24 642 F . 19.52 -11.57 7.85
C25 642 F . 19.77 -10.26 8.27
C26 642 F . 18.97 -9.20 7.78
C27 642 F . 17.89 -9.46 6.91
C28 642 F . 17.62 -10.75 6.52
C29 642 F . 18.42 -11.81 6.98
#